data_8Q5K
#
_entry.id   8Q5K
#
_cell.length_a   119.033
_cell.length_b   119.033
_cell.length_c   115.919
_cell.angle_alpha   90.00
_cell.angle_beta   90.00
_cell.angle_gamma   120.00
#
_symmetry.space_group_name_H-M   'P 65 2 2'
#
loop_
_entity.id
_entity.type
_entity.pdbx_description
1 polymer 'Multiple virulence factor regulator MvfR'
2 non-polymer 2-[4-[(2~{S})-3-[[6-chloranyl-1-(2-methoxyethyl)benzimidazol-2-yl]amino]-2-oxidanyl-propoxy]phenyl]ethanenitrile
3 non-polymer 1,2-ETHANEDIOL
4 water water
#
_entity_poly.entity_id   1
_entity_poly.type   'polypeptide(L)'
_entity_poly.pdbx_seq_one_letter_code
;NLRVLLDTAIPPSFCDTVSSVLLDDFNMVSLIRTSPADSLATIKQDNAEIDIAITIDEELKISRFNQCVLGYTKAFVVAH
PQHPLCNASLHSIASLANYRQISLGSRSGQHSNLLRPVSDKVLFVENFDDMLRLVEAGVGWGIAPHYFVEERLRNGTLAV
LSELYEPGGIDTKVYCYYNTALESERSFLRFLESARQRLRELGRQRFDDAPAWQPS
;
_entity_poly.pdbx_strand_id   A
#
loop_
_chem_comp.id
_chem_comp.type
_chem_comp.name
_chem_comp.formula
EDO non-polymer 1,2-ETHANEDIOL 'C2 H6 O2'
JTI non-polymer 2-[4-[(2~{S})-3-[[6-chloranyl-1-(2-methoxyethyl)benzimidazol-2-yl]amino]-2-oxidanyl-propoxy]phenyl]ethanenitrile 'C21 H23 Cl N4 O3'
#
# COMPACT_ATOMS: atom_id res chain seq x y z
N ASN A 1 -14.55 -10.88 18.66
CA ASN A 1 -14.08 -9.62 17.97
C ASN A 1 -12.95 -9.97 16.98
N LEU A 2 -13.22 -9.81 15.68
CA LEU A 2 -12.24 -9.99 14.58
C LEU A 2 -11.55 -8.65 14.32
N ARG A 3 -10.29 -8.50 14.74
CA ARG A 3 -9.45 -7.29 14.47
C ARG A 3 -8.80 -7.42 13.09
N VAL A 4 -8.90 -6.37 12.27
CA VAL A 4 -8.54 -6.39 10.82
C VAL A 4 -7.74 -5.12 10.49
N LEU A 5 -6.52 -5.30 9.99
CA LEU A 5 -5.60 -4.20 9.58
C LEU A 5 -5.75 -3.97 8.07
N LEU A 6 -5.96 -2.71 7.67
CA LEU A 6 -5.94 -2.28 6.25
C LEU A 6 -4.96 -1.12 6.10
N ASP A 7 -3.91 -1.29 5.30
CA ASP A 7 -2.87 -0.24 5.18
C ASP A 7 -3.39 0.84 4.22
N THR A 8 -2.76 2.01 4.26
CA THR A 8 -3.16 3.26 3.54
C THR A 8 -3.07 3.07 2.02
N ALA A 9 -2.35 2.05 1.55
CA ALA A 9 -2.13 1.78 0.12
C ALA A 9 -3.36 1.09 -0.49
N ILE A 10 -4.23 0.53 0.35
CA ILE A 10 -5.44 -0.23 -0.08
C ILE A 10 -6.53 0.77 -0.42
N PRO A 11 -7.05 0.80 -1.67
CA PRO A 11 -8.13 1.71 -2.05
C PRO A 11 -9.25 1.67 -1.03
N PRO A 12 -9.89 2.80 -0.71
CA PRO A 12 -10.90 2.85 0.35
C PRO A 12 -12.15 2.02 0.01
N SER A 13 -12.38 1.73 -1.27
CA SER A 13 -13.43 0.82 -1.81
C SER A 13 -13.18 -0.61 -1.31
N PHE A 14 -11.99 -1.16 -1.56
CA PHE A 14 -11.65 -2.55 -1.13
C PHE A 14 -11.91 -2.73 0.37
N CYS A 15 -11.95 -1.62 1.11
CA CYS A 15 -12.17 -1.61 2.59
C CYS A 15 -13.67 -1.72 2.89
N ASP A 16 -14.52 -1.47 1.89
CA ASP A 16 -15.99 -1.61 1.97
C ASP A 16 -16.35 -3.01 1.48
N THR A 17 -15.59 -3.51 0.50
CA THR A 17 -15.64 -4.88 -0.05
C THR A 17 -15.48 -5.88 1.11
N VAL A 18 -14.45 -5.68 1.94
CA VAL A 18 -14.15 -6.60 3.08
C VAL A 18 -15.29 -6.49 4.11
N SER A 19 -15.53 -5.30 4.66
CA SER A 19 -16.38 -5.06 5.86
C SER A 19 -17.80 -5.59 5.60
N SER A 20 -18.30 -5.37 4.38
CA SER A 20 -19.60 -5.91 3.88
C SER A 20 -19.68 -7.41 4.16
N VAL A 21 -18.72 -8.17 3.59
CA VAL A 21 -18.67 -9.66 3.62
C VAL A 21 -18.43 -10.12 5.06
N LEU A 22 -17.51 -9.46 5.76
CA LEU A 22 -17.03 -9.86 7.11
C LEU A 22 -18.20 -9.78 8.09
N LEU A 23 -19.02 -8.74 7.95
CA LEU A 23 -20.12 -8.42 8.91
C LEU A 23 -21.30 -9.37 8.65
N ASP A 24 -21.35 -10.00 7.46
CA ASP A 24 -22.29 -11.10 7.11
C ASP A 24 -22.06 -12.30 8.04
N ASP A 25 -20.79 -12.59 8.38
CA ASP A 25 -20.34 -13.81 9.10
C ASP A 25 -19.98 -13.46 10.56
N PHE A 26 -19.34 -12.32 10.80
CA PHE A 26 -18.82 -11.91 12.14
C PHE A 26 -19.72 -10.82 12.74
N ASN A 27 -19.83 -10.80 14.08
CA ASN A 27 -20.80 -9.96 14.83
C ASN A 27 -20.09 -8.73 15.40
N MET A 28 -18.80 -8.84 15.72
CA MET A 28 -17.92 -7.67 16.00
C MET A 28 -16.69 -7.71 15.09
N VAL A 29 -16.50 -6.65 14.29
CA VAL A 29 -15.40 -6.49 13.30
C VAL A 29 -14.74 -5.12 13.56
N SER A 30 -13.46 -5.10 13.93
CA SER A 30 -12.67 -3.86 14.14
C SER A 30 -11.73 -3.65 12.95
N LEU A 31 -11.76 -2.46 12.35
CA LEU A 31 -10.97 -2.08 11.14
C LEU A 31 -9.92 -1.05 11.52
N ILE A 32 -8.64 -1.43 11.55
CA ILE A 32 -7.49 -0.53 11.89
C ILE A 32 -6.75 -0.15 10.60
N ARG A 33 -6.44 1.13 10.44
CA ARG A 33 -5.60 1.66 9.33
C ARG A 33 -4.19 1.91 9.83
N THR A 34 -3.20 1.39 9.11
CA THR A 34 -1.74 1.53 9.35
C THR A 34 -1.09 2.09 8.09
N SER A 35 0.12 2.65 8.20
CA SER A 35 1.03 2.88 7.05
C SER A 35 1.40 1.51 6.46
N PRO A 36 1.59 1.39 5.13
CA PRO A 36 2.17 0.17 4.57
C PRO A 36 3.46 -0.21 5.31
N ALA A 37 4.22 0.81 5.70
CA ALA A 37 5.56 0.70 6.34
C ALA A 37 5.44 0.18 7.78
N ASP A 38 4.24 0.13 8.36
CA ASP A 38 4.01 -0.28 9.78
C ASP A 38 3.09 -1.51 9.90
N SER A 39 2.53 -2.01 8.79
CA SER A 39 1.51 -3.09 8.80
C SER A 39 2.09 -4.34 9.47
N LEU A 40 3.12 -4.94 8.88
CA LEU A 40 3.68 -6.24 9.34
C LEU A 40 4.34 -6.07 10.70
N ALA A 41 4.91 -4.89 10.98
CA ALA A 41 5.48 -4.54 12.29
C ALA A 41 4.39 -4.68 13.37
N THR A 42 3.17 -4.19 13.09
CA THR A 42 2.00 -4.18 14.01
C THR A 42 1.53 -5.60 14.29
N ILE A 43 1.32 -6.41 13.26
CA ILE A 43 0.76 -7.79 13.44
C ILE A 43 1.77 -8.65 14.22
N LYS A 44 3.06 -8.29 14.20
CA LYS A 44 4.15 -9.05 14.86
C LYS A 44 4.09 -8.82 16.37
N GLN A 45 3.63 -7.66 16.82
CA GLN A 45 3.28 -7.40 18.24
C GLN A 45 2.07 -8.27 18.61
N ASP A 46 2.26 -9.23 19.51
CA ASP A 46 1.24 -10.25 19.91
C ASP A 46 0.06 -9.55 20.58
N ASN A 47 0.34 -8.54 21.39
CA ASN A 47 -0.66 -7.77 22.17
C ASN A 47 -1.61 -7.02 21.22
N ALA A 48 -1.17 -6.67 20.01
CA ALA A 48 -1.99 -5.99 18.97
C ALA A 48 -3.10 -6.92 18.50
N GLU A 49 -2.93 -8.23 18.67
CA GLU A 49 -3.98 -9.27 18.46
C GLU A 49 -4.75 -8.99 17.15
N ILE A 50 -4.02 -8.72 16.07
CA ILE A 50 -4.56 -8.58 14.68
C ILE A 50 -4.84 -9.99 14.14
N ASP A 51 -6.03 -10.21 13.58
CA ASP A 51 -6.48 -11.53 13.07
C ASP A 51 -6.27 -11.57 11.55
N ILE A 52 -6.39 -10.43 10.90
CA ILE A 52 -6.24 -10.33 9.41
C ILE A 52 -5.59 -8.98 9.09
N ALA A 53 -4.46 -8.99 8.40
CA ALA A 53 -3.82 -7.77 7.83
C ALA A 53 -3.97 -7.82 6.31
N ILE A 54 -4.53 -6.76 5.74
CA ILE A 54 -4.57 -6.51 4.27
C ILE A 54 -3.59 -5.38 3.96
N THR A 55 -2.45 -5.72 3.37
CA THR A 55 -1.28 -4.82 3.20
C THR A 55 -0.50 -5.19 1.94
N ILE A 56 0.19 -4.21 1.33
CA ILE A 56 0.98 -4.38 0.08
C ILE A 56 2.36 -4.95 0.42
N ASP A 57 2.77 -4.81 1.69
CA ASP A 57 4.13 -5.16 2.19
C ASP A 57 4.28 -6.69 2.23
N GLU A 58 5.47 -7.20 1.87
CA GLU A 58 5.73 -8.65 1.71
C GLU A 58 6.86 -9.07 2.67
N GLU A 59 6.69 -10.23 3.31
N GLU A 59 6.68 -10.22 3.32
CA GLU A 59 7.75 -10.94 4.06
CA GLU A 59 7.68 -10.94 4.16
C GLU A 59 7.46 -12.44 3.98
C GLU A 59 7.45 -12.45 3.95
N LEU A 60 8.51 -13.25 3.87
CA LEU A 60 8.44 -14.66 3.40
C LEU A 60 7.57 -15.51 4.32
N LYS A 61 7.68 -15.34 5.64
CA LYS A 61 6.83 -16.06 6.62
C LYS A 61 6.88 -15.29 7.94
N ILE A 62 5.74 -14.75 8.38
CA ILE A 62 5.59 -14.12 9.72
C ILE A 62 5.20 -15.24 10.68
N SER A 63 5.70 -15.19 11.92
CA SER A 63 5.39 -16.20 12.97
C SER A 63 3.89 -16.16 13.27
N ARG A 64 3.23 -17.33 13.11
CA ARG A 64 1.81 -17.68 13.38
C ARG A 64 0.80 -17.23 12.31
N PHE A 65 1.20 -16.38 11.36
CA PHE A 65 0.35 -15.97 10.22
C PHE A 65 0.71 -16.79 8.98
N ASN A 66 -0.31 -17.09 8.17
CA ASN A 66 -0.17 -17.52 6.75
C ASN A 66 -0.45 -16.31 5.85
N GLN A 67 0.05 -16.36 4.62
CA GLN A 67 -0.08 -15.30 3.60
C GLN A 67 -0.90 -15.85 2.44
N CYS A 68 -1.64 -14.98 1.74
CA CYS A 68 -2.19 -15.27 0.40
C CYS A 68 -2.41 -13.93 -0.32
N VAL A 69 -2.74 -13.99 -1.61
CA VAL A 69 -2.94 -12.80 -2.47
C VAL A 69 -4.44 -12.56 -2.59
N LEU A 70 -4.91 -11.39 -2.17
CA LEU A 70 -6.30 -10.91 -2.34
C LEU A 70 -6.48 -10.40 -3.77
N GLY A 71 -5.54 -9.59 -4.24
CA GLY A 71 -5.54 -9.05 -5.60
C GLY A 71 -4.34 -8.16 -5.86
N TYR A 72 -4.55 -7.11 -6.67
CA TYR A 72 -3.49 -6.23 -7.21
C TYR A 72 -4.03 -4.79 -7.22
N THR A 73 -3.14 -3.84 -6.94
CA THR A 73 -3.39 -2.38 -7.01
C THR A 73 -2.21 -1.75 -7.74
N LYS A 74 -2.31 -0.46 -8.05
CA LYS A 74 -1.31 0.26 -8.89
C LYS A 74 -0.79 1.48 -8.13
N ALA A 75 0.53 1.52 -7.91
CA ALA A 75 1.27 2.71 -7.46
C ALA A 75 1.74 3.47 -8.70
N PHE A 76 1.95 4.77 -8.56
CA PHE A 76 2.57 5.63 -9.59
C PHE A 76 3.69 6.46 -8.93
N VAL A 77 4.86 6.51 -9.59
CA VAL A 77 5.92 7.52 -9.28
C VAL A 77 5.43 8.87 -9.83
N VAL A 78 5.27 9.86 -8.95
CA VAL A 78 4.72 11.20 -9.32
C VAL A 78 5.68 12.30 -8.84
N ALA A 79 5.68 13.44 -9.53
CA ALA A 79 6.44 14.66 -9.19
C ALA A 79 5.70 15.90 -9.72
N HIS A 80 6.11 17.08 -9.28
CA HIS A 80 5.64 18.40 -9.80
C HIS A 80 5.95 18.46 -11.30
N PRO A 81 4.98 18.87 -12.18
CA PRO A 81 5.21 18.85 -13.62
C PRO A 81 6.48 19.57 -14.10
N GLN A 82 7.01 20.51 -13.30
CA GLN A 82 8.27 21.25 -13.61
C GLN A 82 9.43 20.63 -12.83
N HIS A 83 9.33 19.36 -12.41
CA HIS A 83 10.44 18.60 -11.78
C HIS A 83 11.47 18.30 -12.86
N PRO A 84 12.79 18.37 -12.55
CA PRO A 84 13.82 18.03 -13.53
C PRO A 84 13.55 16.69 -14.23
N LEU A 85 13.34 15.64 -13.45
CA LEU A 85 13.13 14.23 -13.93
C LEU A 85 11.82 14.13 -14.71
N CYS A 86 10.95 15.14 -14.62
CA CYS A 86 9.65 15.17 -15.34
C CYS A 86 9.90 15.27 -16.84
N ASN A 87 8.81 15.23 -17.64
CA ASN A 87 8.81 15.58 -19.08
C ASN A 87 10.01 14.87 -19.76
N ALA A 88 10.35 13.67 -19.29
CA ALA A 88 11.55 12.89 -19.67
C ALA A 88 11.47 11.52 -18.98
N SER A 89 12.37 10.59 -19.31
CA SER A 89 12.34 9.19 -18.79
C SER A 89 13.62 8.41 -19.13
N LEU A 90 13.65 7.13 -18.72
CA LEU A 90 14.70 6.09 -18.93
C LEU A 90 16.02 6.50 -18.27
N HIS A 91 16.57 7.67 -18.59
CA HIS A 91 17.67 8.30 -17.80
C HIS A 91 17.07 8.91 -16.53
N SER A 92 15.87 9.49 -16.64
CA SER A 92 15.09 10.07 -15.51
C SER A 92 14.79 8.96 -14.49
N ILE A 93 14.20 7.85 -14.96
CA ILE A 93 13.86 6.65 -14.12
C ILE A 93 15.11 6.26 -13.31
N ALA A 94 16.28 6.19 -13.96
CA ALA A 94 17.55 5.82 -13.31
C ALA A 94 17.95 6.88 -12.28
N SER A 95 17.75 8.16 -12.62
CA SER A 95 18.13 9.34 -11.79
C SER A 95 17.26 9.45 -10.53
N LEU A 96 16.08 8.80 -10.50
CA LEU A 96 15.22 8.73 -9.29
C LEU A 96 16.07 8.36 -8.07
N ALA A 97 17.16 7.61 -8.28
CA ALA A 97 18.06 7.12 -7.20
C ALA A 97 18.99 8.24 -6.71
N ASN A 98 18.90 9.45 -7.27
CA ASN A 98 19.79 10.60 -6.96
C ASN A 98 18.99 11.81 -6.47
N TYR A 99 17.84 12.09 -7.11
CA TYR A 99 16.90 13.19 -6.75
C TYR A 99 16.16 12.81 -5.46
N ARG A 100 15.66 13.82 -4.73
CA ARG A 100 15.13 13.63 -3.36
C ARG A 100 13.83 12.84 -3.45
N GLN A 101 13.72 11.78 -2.63
CA GLN A 101 12.51 10.93 -2.53
C GLN A 101 11.76 11.28 -1.25
N ILE A 102 10.45 11.55 -1.34
CA ILE A 102 9.54 11.67 -0.17
C ILE A 102 8.98 10.27 0.14
N SER A 103 9.46 9.64 1.21
CA SER A 103 9.23 8.21 1.54
C SER A 103 8.36 8.07 2.79
N LEU A 104 7.50 7.04 2.81
CA LEU A 104 6.79 6.59 4.03
C LEU A 104 7.85 6.17 5.06
N GLY A 105 7.81 6.77 6.26
CA GLY A 105 8.67 6.39 7.39
C GLY A 105 8.05 5.26 8.17
N SER A 106 8.78 4.69 9.13
CA SER A 106 8.38 3.51 9.93
C SER A 106 8.86 3.65 11.38
N ARG A 107 7.99 3.36 12.35
CA ARG A 107 8.33 3.27 13.80
C ARG A 107 9.57 2.40 13.98
N SER A 108 9.63 1.24 13.32
CA SER A 108 10.75 0.26 13.43
C SER A 108 12.04 0.84 12.83
N GLY A 109 11.99 2.01 12.19
CA GLY A 109 13.14 2.63 11.49
C GLY A 109 13.52 1.85 10.25
N GLN A 110 13.12 0.57 10.18
CA GLN A 110 13.46 -0.44 9.15
C GLN A 110 12.39 -0.44 8.04
N HIS A 111 12.75 -0.93 6.84
CA HIS A 111 11.82 -1.14 5.69
C HIS A 111 12.08 -2.50 5.03
N SER A 112 11.06 -3.05 4.35
CA SER A 112 11.19 -4.22 3.44
C SER A 112 11.95 -3.79 2.18
N ASN A 113 12.46 -4.74 1.40
CA ASN A 113 13.07 -4.45 0.07
C ASN A 113 12.05 -3.68 -0.76
N LEU A 114 10.79 -4.12 -0.69
CA LEU A 114 9.64 -3.58 -1.47
C LEU A 114 9.42 -2.10 -1.13
N LEU A 115 9.46 -1.73 0.16
CA LEU A 115 9.02 -0.40 0.64
C LEU A 115 10.21 0.52 0.97
N ARG A 116 11.42 -0.02 1.14
CA ARG A 116 12.64 0.78 1.43
C ARG A 116 12.82 1.82 0.34
N PRO A 117 13.28 3.05 0.66
CA PRO A 117 13.57 4.06 -0.36
C PRO A 117 14.67 3.62 -1.33
N VAL A 118 14.60 4.10 -2.57
CA VAL A 118 15.57 3.77 -3.67
C VAL A 118 16.67 4.86 -3.72
N SER A 119 16.32 6.10 -3.41
CA SER A 119 17.20 7.30 -3.51
C SER A 119 18.09 7.44 -2.27
N ASP A 120 19.31 7.92 -2.48
CA ASP A 120 20.30 8.24 -1.40
C ASP A 120 19.88 9.55 -0.71
N LYS A 121 19.04 10.36 -1.36
CA LYS A 121 18.43 11.61 -0.80
C LYS A 121 16.95 11.35 -0.50
N VAL A 122 16.63 11.01 0.75
CA VAL A 122 15.27 10.63 1.21
C VAL A 122 14.83 11.58 2.35
N LEU A 123 13.59 12.08 2.28
CA LEU A 123 12.90 12.82 3.36
C LEU A 123 11.64 12.02 3.76
N PHE A 124 11.62 11.48 4.99
CA PHE A 124 10.54 10.62 5.52
C PHE A 124 9.32 11.45 5.98
N VAL A 125 8.12 10.91 5.75
CA VAL A 125 6.81 11.41 6.27
C VAL A 125 6.07 10.22 6.88
N GLU A 126 4.83 10.41 7.36
CA GLU A 126 4.05 9.38 8.10
C GLU A 126 2.89 8.85 7.26
N ASN A 127 2.51 9.52 6.18
CA ASN A 127 1.35 9.11 5.34
C ASN A 127 1.44 9.75 3.94
N PHE A 128 0.56 9.32 3.04
CA PHE A 128 0.59 9.68 1.60
C PHE A 128 0.12 11.13 1.40
N ASP A 129 -0.58 11.73 2.35
CA ASP A 129 -1.02 13.16 2.27
C ASP A 129 0.22 14.07 2.41
N ASP A 130 0.91 13.94 3.54
CA ASP A 130 2.17 14.68 3.84
C ASP A 130 3.19 14.42 2.72
N MET A 131 3.22 13.21 2.15
CA MET A 131 4.07 12.88 0.98
C MET A 131 3.69 13.80 -0.18
N LEU A 132 2.43 13.76 -0.60
CA LEU A 132 1.96 14.43 -1.85
C LEU A 132 1.79 15.94 -1.63
N ARG A 133 1.86 16.41 -0.37
CA ARG A 133 1.96 17.86 -0.06
C ARG A 133 3.38 18.33 -0.41
N LEU A 134 4.40 17.68 0.17
CA LEU A 134 5.84 17.96 -0.09
C LEU A 134 6.20 17.67 -1.56
N VAL A 135 5.32 17.06 -2.35
CA VAL A 135 5.61 16.70 -3.78
C VAL A 135 4.98 17.76 -4.69
N GLU A 136 3.74 18.20 -4.39
CA GLU A 136 3.05 19.33 -5.08
C GLU A 136 3.95 20.57 -5.04
N ALA A 137 4.56 20.76 -3.88
CA ALA A 137 5.69 21.69 -3.64
C ALA A 137 6.73 20.73 -4.21
N GLY A 138 7.76 21.25 -4.87
CA GLY A 138 8.64 20.37 -5.66
C GLY A 138 9.82 19.96 -4.79
N VAL A 139 9.60 19.60 -3.53
CA VAL A 139 10.67 19.24 -2.55
C VAL A 139 11.33 17.93 -3.00
N GLY A 140 10.54 17.02 -3.58
CA GLY A 140 11.02 15.76 -4.16
C GLY A 140 9.97 15.06 -5.01
N TRP A 141 10.25 13.79 -5.36
CA TRP A 141 9.33 12.83 -6.02
C TRP A 141 8.87 11.80 -4.99
N GLY A 142 7.71 11.21 -5.23
CA GLY A 142 7.14 10.14 -4.37
C GLY A 142 6.46 9.07 -5.20
N ILE A 143 6.21 7.91 -4.58
CA ILE A 143 5.41 6.80 -5.18
C ILE A 143 4.24 6.53 -4.24
N ALA A 144 3.01 6.69 -4.76
CA ALA A 144 1.75 6.66 -3.99
C ALA A 144 0.69 5.84 -4.72
N PRO A 145 -0.35 5.35 -4.02
CA PRO A 145 -1.45 4.61 -4.64
C PRO A 145 -2.20 5.43 -5.71
N HIS A 146 -2.69 4.77 -6.76
CA HIS A 146 -3.53 5.39 -7.83
C HIS A 146 -4.58 6.30 -7.19
N TYR A 147 -5.39 5.75 -6.27
CA TYR A 147 -6.58 6.43 -5.68
C TYR A 147 -6.19 7.74 -4.99
N PHE A 148 -4.90 7.95 -4.73
CA PHE A 148 -4.37 9.12 -3.98
C PHE A 148 -3.94 10.23 -4.96
N VAL A 149 -3.76 9.90 -6.24
CA VAL A 149 -3.16 10.81 -7.25
C VAL A 149 -4.08 10.93 -8.47
N GLU A 150 -5.18 10.18 -8.55
CA GLU A 150 -6.13 10.25 -9.70
C GLU A 150 -6.58 11.70 -9.86
N GLU A 151 -7.17 12.27 -8.81
CA GLU A 151 -7.65 13.68 -8.75
C GLU A 151 -6.57 14.62 -9.29
N ARG A 152 -5.40 14.64 -8.64
CA ARG A 152 -4.30 15.62 -8.88
C ARG A 152 -3.66 15.44 -10.26
N LEU A 153 -3.73 14.25 -10.87
CA LEU A 153 -3.03 13.96 -12.16
C LEU A 153 -3.78 14.63 -13.30
N ARG A 154 -5.10 14.42 -13.40
CA ARG A 154 -5.97 15.03 -14.45
C ARG A 154 -5.99 16.56 -14.24
N ASN A 155 -5.92 17.03 -12.99
CA ASN A 155 -5.82 18.46 -12.62
C ASN A 155 -4.53 19.07 -13.19
N GLY A 156 -3.49 18.27 -13.43
CA GLY A 156 -2.16 18.74 -13.87
C GLY A 156 -1.32 19.24 -12.70
N THR A 157 -1.83 19.13 -11.47
CA THR A 157 -1.12 19.48 -10.21
C THR A 157 0.10 18.58 -10.02
N LEU A 158 0.01 17.34 -10.51
CA LEU A 158 1.05 16.27 -10.45
C LEU A 158 1.24 15.64 -11.83
N ALA A 159 2.44 15.10 -12.10
CA ALA A 159 2.78 14.33 -13.33
C ALA A 159 3.32 12.95 -12.94
N VAL A 160 3.11 11.95 -13.81
CA VAL A 160 3.62 10.55 -13.64
C VAL A 160 5.04 10.47 -14.22
N LEU A 161 5.95 9.75 -13.55
CA LEU A 161 7.33 9.48 -14.02
C LEU A 161 7.52 8.00 -14.40
N SER A 162 6.62 7.11 -13.97
CA SER A 162 6.82 5.64 -13.87
C SER A 162 6.62 4.91 -15.20
N GLU A 163 5.98 5.52 -16.20
CA GLU A 163 5.33 4.81 -17.34
C GLU A 163 6.35 3.98 -18.13
N LEU A 164 7.58 4.48 -18.31
CA LEU A 164 8.62 3.75 -19.08
C LEU A 164 9.21 2.61 -18.23
N TYR A 165 9.11 2.68 -16.91
CA TYR A 165 9.52 1.59 -15.99
C TYR A 165 8.45 0.48 -16.04
N GLU A 166 7.19 0.85 -15.84
CA GLU A 166 6.03 -0.07 -15.90
C GLU A 166 4.81 0.69 -16.40
N PRO A 167 4.49 0.57 -17.70
CA PRO A 167 3.27 1.15 -18.28
C PRO A 167 1.99 0.79 -17.52
N GLY A 168 1.12 1.79 -17.30
CA GLY A 168 -0.22 1.64 -16.70
C GLY A 168 -0.16 1.67 -15.19
N GLY A 169 0.98 2.07 -14.62
CA GLY A 169 1.22 2.08 -13.17
C GLY A 169 1.95 0.84 -12.70
N ILE A 170 2.67 0.93 -11.58
CA ILE A 170 3.51 -0.17 -11.04
C ILE A 170 2.59 -1.11 -10.26
N ASP A 171 2.25 -2.26 -10.86
CA ASP A 171 1.36 -3.29 -10.28
C ASP A 171 1.97 -3.80 -8.97
N THR A 172 1.13 -3.96 -7.95
CA THR A 172 1.54 -4.28 -6.56
C THR A 172 0.52 -5.26 -5.95
N LYS A 173 0.95 -6.48 -5.61
CA LYS A 173 0.07 -7.48 -4.96
C LYS A 173 -0.43 -6.92 -3.62
N VAL A 174 -1.73 -7.06 -3.37
CA VAL A 174 -2.37 -6.88 -2.04
C VAL A 174 -2.38 -8.25 -1.36
N TYR A 175 -1.74 -8.35 -0.18
CA TYR A 175 -1.58 -9.62 0.57
C TYR A 175 -2.55 -9.66 1.75
N CYS A 176 -3.09 -10.84 2.01
CA CYS A 176 -3.86 -11.17 3.23
C CYS A 176 -2.95 -12.01 4.14
N TYR A 177 -2.50 -11.43 5.25
CA TYR A 177 -1.87 -12.17 6.37
C TYR A 177 -2.98 -12.48 7.37
N TYR A 178 -3.31 -13.76 7.54
CA TYR A 178 -4.42 -14.22 8.40
C TYR A 178 -3.84 -15.13 9.49
N ASN A 179 -4.31 -14.97 10.72
CA ASN A 179 -3.98 -15.85 11.87
C ASN A 179 -4.19 -17.30 11.44
N THR A 180 -3.20 -18.15 11.69
CA THR A 180 -3.17 -19.56 11.23
C THR A 180 -4.44 -20.27 11.69
N ALA A 181 -5.03 -19.84 12.82
CA ALA A 181 -6.24 -20.42 13.46
C ALA A 181 -7.44 -20.30 12.52
N LEU A 182 -7.49 -19.26 11.68
CA LEU A 182 -8.59 -19.03 10.69
C LEU A 182 -8.46 -20.03 9.53
N GLU A 183 -7.33 -20.74 9.47
CA GLU A 183 -6.98 -21.69 8.37
C GLU A 183 -8.02 -22.68 7.81
N SER A 184 -8.85 -23.24 8.70
CA SER A 184 -9.97 -24.14 8.33
C SER A 184 -11.24 -23.64 9.03
N GLU A 185 -11.82 -22.56 8.49
CA GLU A 185 -12.98 -21.82 9.06
C GLU A 185 -13.76 -21.20 7.89
N ARG A 186 -14.83 -21.85 7.43
CA ARG A 186 -15.61 -21.43 6.23
C ARG A 186 -15.82 -19.91 6.28
N SER A 187 -16.11 -19.35 7.46
CA SER A 187 -16.26 -17.90 7.72
C SER A 187 -15.17 -17.11 6.98
N PHE A 188 -13.90 -17.45 7.21
CA PHE A 188 -12.70 -16.78 6.64
C PHE A 188 -12.56 -17.11 5.16
N LEU A 189 -12.79 -18.38 4.78
CA LEU A 189 -12.76 -18.83 3.36
C LEU A 189 -13.86 -18.13 2.56
N ARG A 190 -15.01 -17.87 3.18
CA ARG A 190 -16.13 -17.07 2.61
C ARG A 190 -15.62 -15.66 2.34
N PHE A 191 -14.93 -15.06 3.33
CA PHE A 191 -14.35 -13.70 3.23
C PHE A 191 -13.41 -13.64 2.01
N LEU A 192 -12.43 -14.55 1.93
CA LEU A 192 -11.45 -14.63 0.80
C LEU A 192 -12.22 -14.69 -0.52
N GLU A 193 -13.02 -15.75 -0.69
CA GLU A 193 -13.86 -16.02 -1.89
C GLU A 193 -14.57 -14.74 -2.38
N SER A 194 -15.32 -14.07 -1.48
CA SER A 194 -16.13 -12.87 -1.76
C SER A 194 -15.17 -11.69 -2.00
N ALA A 195 -14.43 -11.29 -0.96
CA ALA A 195 -13.45 -10.16 -0.98
C ALA A 195 -12.65 -10.19 -2.30
N ARG A 196 -12.21 -11.36 -2.75
CA ARG A 196 -11.41 -11.56 -3.99
C ARG A 196 -12.23 -11.18 -5.23
N GLN A 197 -13.36 -11.86 -5.44
CA GLN A 197 -14.17 -11.76 -6.69
C GLN A 197 -14.74 -10.35 -6.83
N ARG A 198 -14.92 -9.66 -5.71
CA ARG A 198 -15.45 -8.26 -5.65
C ARG A 198 -14.32 -7.29 -6.01
N LEU A 199 -13.09 -7.55 -5.54
CA LEU A 199 -11.92 -6.64 -5.73
C LEU A 199 -11.30 -6.86 -7.12
N ARG A 200 -11.69 -7.93 -7.83
CA ARG A 200 -11.44 -8.09 -9.30
C ARG A 200 -12.15 -6.96 -10.04
N GLU A 201 -13.44 -6.75 -9.71
CA GLU A 201 -14.38 -5.82 -10.39
C GLU A 201 -13.88 -4.37 -10.29
N LEU A 202 -13.34 -3.96 -9.13
CA LEU A 202 -12.71 -2.63 -8.94
C LEU A 202 -11.50 -2.48 -9.86
N GLY A 203 -10.75 -3.56 -10.09
CA GLY A 203 -9.56 -3.60 -10.96
C GLY A 203 -9.94 -3.80 -12.42
C1 JTI B . 7.84 -0.95 -6.48
C2 JTI B . 5.82 -0.99 -5.30
O3 JTI B . 9.94 2.72 -4.87
C4 JTI B . 6.37 1.37 -2.77
C6 JTI B . 10.05 1.95 -2.58
C7 JTI B . 10.38 1.65 -4.03
C9 JTI B . 10.54 1.45 -6.87
C12 JTI B . 10.99 2.59 -10.48
O1 JTI B . 6.88 -0.19 -5.78
C3 JTI B . 5.81 -0.91 -3.80
N1 JTI B . 5.51 0.43 -3.29
N2 JTI B . 7.71 1.18 -2.65
C5 JTI B . 8.59 2.29 -2.39
O2 JTI B . 10.84 3.01 -2.09
C8 JTI B . 10.20 2.64 -6.22
C10 JTI B . 10.79 1.45 -8.22
C11 JTI B . 10.71 2.61 -8.98
C13 JTI B . 10.11 3.45 -11.25
N3 JTI B . 9.43 4.15 -11.87
C14 JTI B . 10.37 3.79 -8.33
C15 JTI B . 10.12 3.80 -6.97
N4 JTI B . 5.76 2.48 -2.38
C16 JTI B . 4.42 2.26 -2.68
C17 JTI B . 3.32 3.09 -2.48
C18 JTI B . 2.07 2.62 -2.87
C19 JTI B . 1.94 1.35 -3.40
CL1 JTI B . 0.37 0.80 -3.89
C20 JTI B . 3.02 0.51 -3.62
C21 JTI B . 4.27 0.99 -3.24
C1 EDO C . 17.28 18.58 -5.29
O1 EDO C . 16.56 19.80 -5.41
C2 EDO C . 16.49 17.33 -5.54
O2 EDO C . 15.15 17.52 -5.93
#